data_2PRH
#
_entry.id   2PRH
#
_cell.length_a   90.550
_cell.length_b   90.550
_cell.length_c   122.700
_cell.angle_alpha   90.000
_cell.angle_beta   90.000
_cell.angle_gamma   120.000
#
_symmetry.space_group_name_H-M   'P 32 2 1'
#
loop_
_entity.id
_entity.type
_entity.pdbx_description
1 polymer 'Dihydroorotate dehydrogenase, mitochondrial'
2 non-polymer 'FLAVIN MONONUCLEOTIDE'
3 non-polymer 'OROTIC ACID'
4 non-polymer "6-CHLORO-2-(2'-FLUOROBIPHENYL-4-YL)-3-METHYLQUINOLINE-4-CARBOXYLIC ACID"
5 non-polymer DECYLAMINE-N,N-DIMETHYL-N-OXIDE
6 water water
#
_entity_poly.entity_id   1
_entity_poly.type   'polypeptide(L)'
_entity_poly.pdbx_seq_one_letter_code
;MATGDERFYAEHLMPTLQGLLDPESAHRLAVRFTSLGLLPRARFQDSDMLEVRVLGHKFRNPVGIAAGFDKHGEAVDGLY
KMGFGFVEIGSVTPKPQEGNPRPRVFRLPEDQAVINRYGFNSHGLSVVEHRLRARQQKQAKLTEDGLPLGVNLGKNKTSV
DAAEDYAEGVRVLGPLADYLVVNVSSPNTAGLRSLQGKAELRRLLTKVLQERDGLRRVHRPAVLVKIAPDLTSQDKEDIA
SVVKELGIDGLIVTNTTVSRPAGLQGALRSETGGLSGKPLRDLSTQTIREMYALTQGRVPIIGVGGVSSGQDALEKIRAG
ASLVQLYTALTFWGPPVVGKVKRELEALLKEQGFGGVTDAIGADHRR
;
_entity_poly.pdbx_strand_id   A
#
loop_
_chem_comp.id
_chem_comp.type
_chem_comp.name
_chem_comp.formula
238 non-polymer '6-CHLORO-2-(2'-FLUOROBIPHENYL-4-YL)-3-METHYLQUINOLINE-4-CARBOXYLIC ACID' 'C23 H15 Cl F N O2'
DDQ non-polymer DECYLAMINE-N,N-DIMETHYL-N-OXIDE 'C12 H27 N O'
FMN non-polymer 'FLAVIN MONONUCLEOTIDE' 'C17 H21 N4 O9 P'
ORO non-polymer 'OROTIC ACID' 'C5 H4 N2 O4'
#
# COMPACT_ATOMS: atom_id res chain seq x y z
N MET A 1 -19.51 -15.03 -15.41
CA MET A 1 -18.43 -13.99 -15.45
C MET A 1 -19.08 -12.60 -15.34
N ALA A 2 -18.81 -11.74 -16.33
CA ALA A 2 -19.46 -10.43 -16.51
C ALA A 2 -19.39 -9.44 -15.31
N THR A 3 -20.35 -8.51 -15.27
CA THR A 3 -20.28 -7.29 -14.46
C THR A 3 -21.12 -7.35 -13.18
N GLY A 4 -20.68 -6.55 -12.20
CA GLY A 4 -21.41 -6.24 -10.98
C GLY A 4 -21.12 -4.79 -10.64
N ASP A 5 -21.51 -4.31 -9.46
CA ASP A 5 -22.32 -4.98 -8.42
C ASP A 5 -21.51 -5.66 -7.31
N GLU A 6 -21.57 -5.04 -6.14
CA GLU A 6 -20.84 -5.43 -4.96
C GLU A 6 -21.31 -6.79 -4.47
N ARG A 7 -22.63 -6.98 -4.43
CA ARG A 7 -23.21 -8.23 -3.97
C ARG A 7 -22.87 -9.42 -4.87
N PHE A 8 -22.92 -9.23 -6.18
CA PHE A 8 -22.58 -10.31 -7.11
C PHE A 8 -21.11 -10.77 -7.01
N TYR A 9 -20.20 -9.82 -6.82
CA TYR A 9 -18.79 -10.15 -6.67
C TYR A 9 -18.48 -10.83 -5.35
N ALA A 10 -19.01 -10.27 -4.27
CA ALA A 10 -18.73 -10.72 -2.93
C ALA A 10 -19.40 -12.05 -2.59
N GLU A 11 -20.65 -12.22 -3.02
CA GLU A 11 -21.44 -13.42 -2.70
C GLU A 11 -21.28 -14.55 -3.71
N HIS A 12 -20.86 -14.22 -4.95
CA HIS A 12 -20.85 -15.20 -6.03
C HIS A 12 -19.52 -15.34 -6.80
N LEU A 13 -19.11 -14.29 -7.52
CA LEU A 13 -17.95 -14.37 -8.40
C LEU A 13 -16.64 -14.68 -7.67
N MET A 14 -16.32 -13.89 -6.65
CA MET A 14 -15.06 -14.04 -5.92
C MET A 14 -14.91 -15.38 -5.20
N PRO A 15 -15.95 -15.82 -4.43
CA PRO A 15 -15.90 -17.14 -3.77
C PRO A 15 -15.76 -18.31 -4.73
N THR A 16 -16.41 -18.20 -5.89
CA THR A 16 -16.32 -19.23 -6.94
C THR A 16 -14.90 -19.30 -7.49
N LEU A 17 -14.32 -18.13 -7.75
CA LEU A 17 -12.94 -18.03 -8.24
C LEU A 17 -11.95 -18.61 -7.21
N GLN A 18 -12.15 -18.31 -5.93
CA GLN A 18 -11.36 -18.86 -4.82
C GLN A 18 -11.48 -20.38 -4.65
N GLY A 19 -12.65 -20.91 -4.96
CA GLY A 19 -12.87 -22.35 -4.92
C GLY A 19 -12.26 -23.11 -6.09
N LEU A 20 -12.02 -22.42 -7.20
CA LEU A 20 -11.46 -23.03 -8.40
C LEU A 20 -9.93 -22.94 -8.49
N LEU A 21 -9.37 -21.90 -7.91
CA LEU A 21 -7.96 -21.57 -8.07
C LEU A 21 -7.27 -21.40 -6.74
N ASP A 22 -6.02 -21.85 -6.65
CA ASP A 22 -5.16 -21.48 -5.53
C ASP A 22 -4.88 -19.96 -5.57
N PRO A 23 -4.51 -19.36 -4.42
CA PRO A 23 -4.38 -17.89 -4.36
C PRO A 23 -3.32 -17.28 -5.32
N GLU A 24 -2.21 -17.96 -5.56
CA GLU A 24 -1.22 -17.42 -6.51
C GLU A 24 -1.67 -17.44 -7.98
N SER A 25 -2.41 -18.48 -8.37
CA SER A 25 -3.02 -18.52 -9.70
C SER A 25 -4.06 -17.42 -9.90
N ALA A 26 -4.90 -17.19 -8.88
CA ALA A 26 -5.92 -16.14 -8.93
C ALA A 26 -5.31 -14.72 -8.93
N HIS A 27 -4.21 -14.54 -8.19
CA HIS A 27 -3.41 -13.32 -8.21
C HIS A 27 -2.88 -12.98 -9.61
N ARG A 28 -2.21 -13.94 -10.24
CA ARG A 28 -1.70 -13.79 -11.61
C ARG A 28 -2.81 -13.46 -12.61
N LEU A 29 -3.96 -14.12 -12.47
CA LEU A 29 -5.12 -13.89 -13.33
C LEU A 29 -5.72 -12.51 -13.11
N ALA A 30 -5.83 -12.10 -11.85
CA ALA A 30 -6.25 -10.75 -11.48
C ALA A 30 -5.37 -9.69 -12.15
N VAL A 31 -4.06 -9.86 -12.05
CA VAL A 31 -3.12 -8.90 -12.65
C VAL A 31 -3.31 -8.87 -14.17
N ARG A 32 -3.49 -10.06 -14.76
CA ARG A 32 -3.76 -10.22 -16.18
C ARG A 32 -5.00 -9.44 -16.67
N PHE A 33 -6.13 -9.67 -16.01
CA PHE A 33 -7.41 -9.05 -16.36
C PHE A 33 -7.38 -7.54 -16.19
N THR A 34 -6.78 -7.11 -15.08
CA THR A 34 -6.66 -5.71 -14.73
C THR A 34 -5.84 -4.95 -15.77
N SER A 35 -4.71 -5.54 -16.20
CA SER A 35 -3.82 -4.94 -17.19
C SER A 35 -4.43 -4.83 -18.60
N LEU A 36 -5.44 -5.66 -18.86
CA LEU A 36 -6.18 -5.62 -20.12
C LEU A 36 -7.42 -4.73 -20.03
N GLY A 37 -7.66 -4.18 -18.83
CA GLY A 37 -8.83 -3.34 -18.57
C GLY A 37 -10.16 -4.07 -18.49
N LEU A 38 -10.12 -5.37 -18.22
CA LEU A 38 -11.35 -6.17 -18.13
C LEU A 38 -11.97 -6.02 -16.73
N LEU A 39 -12.54 -4.84 -16.51
CA LEU A 39 -13.08 -4.45 -15.21
C LEU A 39 -14.56 -4.13 -15.29
N PRO A 40 -15.30 -4.33 -14.18
CA PRO A 40 -16.64 -3.77 -14.06
C PRO A 40 -16.58 -2.26 -13.84
N ARG A 41 -17.72 -1.58 -13.90
CA ARG A 41 -17.85 -0.17 -13.47
C ARG A 41 -16.76 0.77 -14.09
N ALA A 42 -16.24 1.79 -13.38
CA ALA A 42 -16.58 2.13 -12.00
C ALA A 42 -17.57 3.29 -11.94
N ARG A 43 -18.77 2.99 -11.44
CA ARG A 43 -19.88 3.95 -11.39
C ARG A 43 -19.69 5.06 -10.34
N PHE A 44 -18.65 4.98 -9.51
CA PHE A 44 -18.41 6.01 -8.50
C PHE A 44 -17.66 7.24 -9.04
N GLN A 45 -18.27 8.40 -8.85
CA GLN A 45 -17.67 9.68 -9.23
C GLN A 45 -17.09 10.33 -7.97
N ASP A 46 -15.79 10.58 -7.97
CA ASP A 46 -15.10 11.11 -6.78
C ASP A 46 -15.51 12.57 -6.55
N SER A 47 -15.92 12.89 -5.33
CA SER A 47 -16.28 14.26 -4.95
C SER A 47 -15.05 15.00 -4.43
N ASP A 48 -15.16 16.33 -4.38
CA ASP A 48 -14.09 17.18 -3.83
C ASP A 48 -13.79 16.88 -2.34
N MET A 49 -14.74 16.28 -1.64
CA MET A 49 -14.60 15.86 -0.24
C MET A 49 -13.50 14.83 -0.03
N LEU A 50 -13.25 14.02 -1.06
CA LEU A 50 -12.33 12.90 -0.97
C LEU A 50 -10.92 13.31 -1.35
N GLU A 51 -10.78 14.51 -1.89
CA GLU A 51 -9.49 15.00 -2.37
C GLU A 51 -8.53 15.31 -1.23
N VAL A 52 -7.28 14.87 -1.39
CA VAL A 52 -6.23 15.12 -0.41
C VAL A 52 -4.99 15.71 -1.09
N ARG A 53 -4.41 16.73 -0.46
CA ARG A 53 -3.15 17.30 -0.92
C ARG A 53 -2.06 17.01 0.10
N VAL A 54 -1.15 16.13 -0.28
CA VAL A 54 -0.13 15.67 0.64
C VAL A 54 1.08 15.18 -0.18
N LEU A 55 2.26 15.20 0.43
CA LEU A 55 3.51 14.71 -0.20
C LEU A 55 3.81 15.40 -1.54
N GLY A 56 3.47 16.70 -1.64
CA GLY A 56 3.65 17.48 -2.88
C GLY A 56 2.73 17.08 -4.04
N HIS A 57 1.69 16.33 -3.74
CA HIS A 57 0.78 15.84 -4.77
C HIS A 57 -0.70 15.97 -4.37
N LYS A 58 -1.54 16.06 -5.41
CA LYS A 58 -2.98 16.02 -5.30
C LYS A 58 -3.41 14.58 -5.47
N PHE A 59 -4.25 14.10 -4.55
CA PHE A 59 -4.83 12.75 -4.61
C PHE A 59 -6.33 12.91 -4.74
N ARG A 60 -6.87 12.47 -5.88
CA ARG A 60 -8.29 12.56 -6.19
C ARG A 60 -9.18 11.89 -5.13
N ASN A 61 -8.70 10.78 -4.58
CA ASN A 61 -9.35 10.11 -3.45
C ASN A 61 -8.24 9.47 -2.60
N PRO A 62 -8.52 9.18 -1.32
CA PRO A 62 -7.43 8.72 -0.44
C PRO A 62 -7.25 7.21 -0.40
N VAL A 63 -7.86 6.51 -1.36
CA VAL A 63 -7.88 5.03 -1.34
C VAL A 63 -6.96 4.47 -2.42
N GLY A 64 -5.82 3.93 -2.01
CA GLY A 64 -4.85 3.36 -2.93
C GLY A 64 -4.77 1.86 -2.90
N ILE A 65 -4.12 1.28 -3.89
CA ILE A 65 -3.77 -0.13 -3.88
C ILE A 65 -2.36 -0.28 -3.28
N ALA A 66 -2.27 -1.13 -2.26
CA ALA A 66 -1.03 -1.39 -1.53
C ALA A 66 -0.03 -2.15 -2.40
N ALA A 67 1.27 -2.01 -2.07
CA ALA A 67 2.32 -2.81 -2.71
C ALA A 67 2.03 -4.31 -2.58
N GLY A 68 2.49 -5.08 -3.57
CA GLY A 68 2.35 -6.52 -3.53
C GLY A 68 1.29 -7.12 -4.43
N PHE A 69 0.37 -6.29 -4.94
CA PHE A 69 -0.60 -6.80 -5.89
C PHE A 69 -0.01 -6.70 -7.30
N ASP A 70 0.43 -5.49 -7.64
CA ASP A 70 1.15 -5.22 -8.88
C ASP A 70 2.63 -5.06 -8.56
N LYS A 71 3.31 -6.19 -8.40
CA LYS A 71 4.73 -6.22 -8.03
C LYS A 71 5.66 -5.66 -9.12
N HIS A 72 5.27 -5.85 -10.38
CA HIS A 72 6.17 -5.58 -11.52
C HIS A 72 5.71 -4.43 -12.44
N GLY A 73 4.71 -3.66 -12.00
CA GLY A 73 4.24 -2.50 -12.75
C GLY A 73 3.48 -2.83 -14.03
N GLU A 74 2.74 -3.93 -14.03
CA GLU A 74 2.05 -4.42 -15.23
C GLU A 74 0.59 -3.99 -15.37
N ALA A 75 0.01 -3.37 -14.36
CA ALA A 75 -1.44 -3.16 -14.37
C ALA A 75 -1.83 -1.81 -13.82
N VAL A 76 -0.92 -0.85 -13.93
CA VAL A 76 -1.10 0.45 -13.27
C VAL A 76 -2.36 1.17 -13.72
N ASP A 77 -2.56 1.21 -15.04
CA ASP A 77 -3.71 1.88 -15.64
C ASP A 77 -5.03 1.17 -15.35
N GLY A 78 -5.04 -0.15 -15.37
CA GLY A 78 -6.23 -0.92 -15.01
C GLY A 78 -6.62 -0.70 -13.55
N LEU A 79 -5.63 -0.51 -12.68
CA LEU A 79 -5.88 -0.19 -11.28
C LEU A 79 -6.47 1.22 -11.06
N TYR A 80 -6.04 2.21 -11.85
CA TYR A 80 -6.73 3.52 -11.84
C TYR A 80 -8.17 3.41 -12.32
N LYS A 81 -8.39 2.59 -13.35
CA LYS A 81 -9.73 2.32 -13.88
C LYS A 81 -10.63 1.66 -12.83
N MET A 82 -10.00 0.91 -11.93
CA MET A 82 -10.69 0.24 -10.82
C MET A 82 -11.22 1.26 -9.78
N GLY A 83 -10.70 2.48 -9.81
CA GLY A 83 -11.19 3.54 -8.93
C GLY A 83 -10.22 3.97 -7.84
N PHE A 84 -9.04 3.35 -7.78
CA PHE A 84 -8.01 3.69 -6.80
C PHE A 84 -7.48 5.09 -7.06
N GLY A 85 -7.26 5.85 -5.99
CA GLY A 85 -6.82 7.25 -6.10
C GLY A 85 -5.33 7.35 -6.26
N PHE A 86 -4.65 6.23 -5.98
CA PHE A 86 -3.22 6.10 -6.24
C PHE A 86 -2.83 4.62 -6.27
N VAL A 87 -1.69 4.37 -6.89
CA VAL A 87 -1.22 3.01 -7.14
C VAL A 87 0.18 2.93 -6.60
N GLU A 88 0.45 1.86 -5.86
CA GLU A 88 1.81 1.56 -5.46
C GLU A 88 2.24 0.23 -6.06
N ILE A 89 3.34 0.23 -6.81
CA ILE A 89 3.85 -1.00 -7.39
C ILE A 89 5.02 -1.52 -6.57
N GLY A 90 5.38 -2.79 -6.77
CA GLY A 90 6.48 -3.38 -6.04
C GLY A 90 6.00 -4.36 -4.97
N SER A 91 6.92 -4.82 -4.12
CA SER A 91 8.32 -4.38 -4.09
C SER A 91 9.14 -4.81 -5.30
N VAL A 92 10.01 -3.91 -5.76
CA VAL A 92 10.92 -4.17 -6.87
C VAL A 92 12.37 -4.27 -6.32
N THR A 93 13.07 -5.34 -6.69
CA THR A 93 14.45 -5.55 -6.26
C THR A 93 15.40 -5.20 -7.42
N PRO A 94 16.67 -4.82 -7.13
CA PRO A 94 17.60 -4.46 -8.22
C PRO A 94 17.77 -5.52 -9.31
N LYS A 95 18.09 -6.75 -8.92
CA LYS A 95 18.17 -7.86 -9.85
C LYS A 95 16.87 -8.64 -9.82
N PRO A 96 16.50 -9.29 -10.95
CA PRO A 96 15.38 -10.23 -10.93
C PRO A 96 15.66 -11.34 -9.92
N GLN A 97 14.61 -11.83 -9.27
CA GLN A 97 14.73 -12.98 -8.39
C GLN A 97 13.40 -13.68 -8.30
N GLU A 98 13.42 -14.99 -8.05
CA GLU A 98 12.24 -15.83 -8.13
C GLU A 98 11.36 -15.79 -6.88
N GLY A 99 11.95 -15.42 -5.74
CA GLY A 99 11.26 -15.51 -4.46
C GLY A 99 11.23 -16.95 -3.94
N ASN A 100 10.37 -17.21 -2.95
CA ASN A 100 10.29 -18.49 -2.29
C ASN A 100 9.67 -19.60 -3.13
N PRO A 101 9.95 -20.88 -2.80
CA PRO A 101 9.25 -21.97 -3.49
C PRO A 101 7.74 -21.95 -3.23
N ARG A 102 6.96 -22.46 -4.18
CA ARG A 102 5.49 -22.54 -4.08
C ARG A 102 5.07 -23.83 -3.38
N PRO A 103 3.91 -23.82 -2.68
CA PRO A 103 3.01 -22.70 -2.42
C PRO A 103 3.58 -21.71 -1.41
N ARG A 104 3.23 -20.44 -1.56
CA ARG A 104 3.82 -19.37 -0.76
C ARG A 104 2.79 -18.28 -0.40
N VAL A 105 1.53 -18.56 -0.70
CA VAL A 105 0.42 -17.70 -0.29
C VAL A 105 -0.70 -18.61 0.15
N PHE A 106 -1.42 -18.18 1.18
CA PHE A 106 -2.35 -19.05 1.87
C PHE A 106 -3.54 -18.24 2.30
N ARG A 107 -4.70 -18.75 1.95
CA ARG A 107 -5.96 -18.10 2.22
C ARG A 107 -6.47 -18.53 3.59
N LEU A 108 -6.99 -17.57 4.36
CA LEU A 108 -7.67 -17.85 5.64
C LEU A 108 -9.07 -17.26 5.55
N PRO A 109 -9.99 -17.96 4.87
CA PRO A 109 -11.31 -17.40 4.55
C PRO A 109 -12.17 -17.10 5.79
N GLU A 110 -12.09 -17.94 6.80
CA GLU A 110 -12.84 -17.75 8.05
C GLU A 110 -12.41 -16.49 8.81
N ASP A 111 -11.21 -15.99 8.50
CA ASP A 111 -10.61 -14.83 9.15
C ASP A 111 -10.60 -13.60 8.24
N GLN A 112 -11.07 -13.78 7.00
CA GLN A 112 -10.92 -12.75 5.97
C GLN A 112 -9.46 -12.26 5.97
N ALA A 113 -8.55 -13.22 5.85
CA ALA A 113 -7.12 -12.97 5.98
C ALA A 113 -6.35 -13.79 4.95
N VAL A 114 -5.11 -13.37 4.71
CA VAL A 114 -4.17 -14.10 3.87
C VAL A 114 -2.86 -14.20 4.67
N ILE A 115 -2.14 -15.32 4.52
CA ILE A 115 -0.73 -15.36 4.89
C ILE A 115 0.10 -15.51 3.61
N ASN A 116 1.11 -14.66 3.45
CA ASN A 116 1.99 -14.74 2.29
C ASN A 116 3.47 -14.79 2.68
N ARG A 117 4.23 -15.58 1.93
CA ARG A 117 5.69 -15.57 1.99
C ARG A 117 6.26 -15.59 0.58
N TYR A 118 5.79 -14.66 -0.26
CA TYR A 118 6.26 -14.56 -1.64
C TYR A 118 7.78 -14.48 -1.69
N GLY A 119 8.36 -13.65 -0.82
CA GLY A 119 9.82 -13.49 -0.74
C GLY A 119 10.38 -12.56 -1.80
N PHE A 120 9.61 -11.57 -2.19
CA PHE A 120 10.06 -10.52 -3.10
C PHE A 120 10.41 -11.05 -4.49
N ASN A 121 9.54 -11.89 -5.04
CA ASN A 121 9.62 -12.27 -6.43
C ASN A 121 9.53 -10.99 -7.23
N SER A 122 10.53 -10.75 -8.07
CA SER A 122 10.60 -9.48 -8.77
C SER A 122 11.20 -9.62 -10.16
N HIS A 123 10.60 -8.95 -11.13
CA HIS A 123 11.19 -8.85 -12.48
C HIS A 123 12.48 -8.01 -12.48
N GLY A 124 12.72 -7.27 -11.38
CA GLY A 124 13.93 -6.45 -11.22
C GLY A 124 13.76 -5.04 -11.77
N LEU A 125 14.66 -4.15 -11.37
CA LEU A 125 14.58 -2.71 -11.74
C LEU A 125 14.52 -2.44 -13.24
N SER A 126 15.42 -3.08 -13.98
CA SER A 126 15.56 -2.85 -15.40
C SER A 126 14.26 -3.11 -16.18
N VAL A 127 13.66 -4.27 -15.96
CA VAL A 127 12.38 -4.59 -16.60
C VAL A 127 11.26 -3.61 -16.21
N VAL A 128 11.20 -3.27 -14.92
CA VAL A 128 10.19 -2.35 -14.41
C VAL A 128 10.42 -0.94 -14.94
N GLU A 129 11.68 -0.51 -14.99
CA GLU A 129 12.07 0.79 -15.53
C GLU A 129 11.51 0.98 -16.94
N HIS A 130 11.77 0.03 -17.82
CA HIS A 130 11.32 0.11 -19.21
C HIS A 130 9.80 0.06 -19.35
N ARG A 131 9.16 -0.72 -18.49
CA ARG A 131 7.71 -0.81 -18.46
C ARG A 131 7.07 0.53 -18.05
N LEU A 132 7.67 1.21 -17.07
CA LEU A 132 7.19 2.55 -16.68
C LEU A 132 7.56 3.64 -17.67
N ARG A 133 8.70 3.49 -18.35
CA ARG A 133 9.10 4.44 -19.40
C ARG A 133 8.14 4.44 -20.60
N ALA A 134 7.59 3.27 -20.91
CA ALA A 134 6.67 3.09 -22.03
C ALA A 134 5.34 3.83 -21.82
N ARG A 135 5.03 4.17 -20.57
CA ARG A 135 3.80 4.89 -20.25
C ARG A 135 4.05 6.16 -19.40
N GLN A 136 5.30 6.65 -19.43
CA GLN A 136 5.76 7.73 -18.54
C GLN A 136 4.98 9.04 -18.67
N GLN A 137 4.63 9.40 -19.90
CA GLN A 137 3.85 10.63 -20.16
C GLN A 137 2.38 10.46 -19.83
N LYS A 138 1.84 9.28 -20.09
CA LYS A 138 0.50 8.95 -19.64
C LYS A 138 0.43 9.13 -18.11
N GLN A 139 1.47 8.68 -17.41
CA GLN A 139 1.52 8.79 -15.95
C GLN A 139 1.61 10.24 -15.52
N ALA A 140 2.38 11.06 -16.26
CA ALA A 140 2.49 12.49 -15.95
C ALA A 140 1.14 13.19 -15.98
N LYS A 141 0.30 12.82 -16.96
CA LYS A 141 -1.06 13.35 -17.03
C LYS A 141 -1.96 12.81 -15.91
N LEU A 142 -1.84 11.53 -15.59
CA LEU A 142 -2.60 10.95 -14.48
C LEU A 142 -2.26 11.65 -13.16
N THR A 143 -0.95 11.79 -12.89
CA THR A 143 -0.46 12.47 -11.71
C THR A 143 -1.05 13.88 -11.58
N GLU A 144 -0.94 14.66 -12.66
CA GLU A 144 -1.52 16.01 -12.74
C GLU A 144 -3.04 16.00 -12.53
N ASP A 145 -3.71 14.96 -13.01
CA ASP A 145 -5.13 14.75 -12.76
C ASP A 145 -5.47 14.29 -11.33
N GLY A 146 -4.46 14.10 -10.47
CA GLY A 146 -4.70 13.69 -9.09
C GLY A 146 -4.63 12.20 -8.85
N LEU A 147 -3.90 11.49 -9.72
CA LEU A 147 -3.74 10.05 -9.63
C LEU A 147 -2.24 9.64 -9.58
N PRO A 148 -1.57 9.86 -8.43
CA PRO A 148 -0.14 9.63 -8.33
C PRO A 148 0.30 8.16 -8.32
N LEU A 149 1.61 7.94 -8.57
CA LEU A 149 2.20 6.62 -8.66
C LEU A 149 3.28 6.49 -7.60
N GLY A 150 3.22 5.40 -6.82
CA GLY A 150 4.27 5.08 -5.88
C GLY A 150 5.00 3.83 -6.29
N VAL A 151 6.30 3.80 -5.98
CA VAL A 151 7.14 2.65 -6.24
C VAL A 151 7.76 2.19 -4.93
N ASN A 152 7.48 0.93 -4.59
CA ASN A 152 8.05 0.28 -3.42
C ASN A 152 9.37 -0.45 -3.79
N LEU A 153 10.46 -0.07 -3.12
CA LEU A 153 11.80 -0.57 -3.42
C LEU A 153 12.22 -1.64 -2.43
N GLY A 154 12.63 -2.79 -2.94
CA GLY A 154 13.13 -3.86 -2.08
C GLY A 154 14.62 -4.05 -2.27
N LYS A 155 15.12 -5.15 -1.72
CA LYS A 155 16.51 -5.52 -1.87
C LYS A 155 16.57 -6.99 -2.23
N ASN A 156 17.63 -7.36 -2.94
CA ASN A 156 17.85 -8.77 -3.28
C ASN A 156 18.15 -9.62 -2.04
N LYS A 157 17.71 -10.88 -2.08
CA LYS A 157 18.01 -11.87 -1.05
C LYS A 157 19.52 -11.99 -0.69
N THR A 158 20.38 -12.05 -1.71
CA THR A 158 21.80 -12.31 -1.48
C THR A 158 22.65 -11.03 -1.53
N SER A 159 21.96 -9.89 -1.47
CA SER A 159 22.60 -8.58 -1.43
C SER A 159 23.57 -8.44 -0.26
N VAL A 160 24.78 -7.96 -0.56
CA VAL A 160 25.83 -7.74 0.44
C VAL A 160 25.65 -6.40 1.17
N ASP A 161 25.02 -5.45 0.49
CA ASP A 161 24.94 -4.07 0.93
C ASP A 161 23.50 -3.57 0.74
N ALA A 162 22.69 -3.66 1.80
CA ALA A 162 21.27 -3.27 1.76
C ALA A 162 21.04 -1.83 1.28
N ALA A 163 21.81 -0.90 1.83
CA ALA A 163 21.68 0.51 1.48
C ALA A 163 21.90 0.76 -0.02
N GLU A 164 22.88 0.08 -0.61
CA GLU A 164 23.17 0.21 -2.04
C GLU A 164 22.03 -0.33 -2.94
N ASP A 165 21.39 -1.42 -2.51
CA ASP A 165 20.18 -1.88 -3.22
C ASP A 165 19.12 -0.79 -3.31
N TYR A 166 18.83 -0.15 -2.18
CA TYR A 166 17.85 0.94 -2.15
C TYR A 166 18.32 2.14 -2.95
N ALA A 167 19.60 2.50 -2.79
CA ALA A 167 20.16 3.61 -3.55
C ALA A 167 19.99 3.41 -5.07
N GLU A 168 20.23 2.19 -5.56
CA GLU A 168 20.03 1.81 -6.97
C GLU A 168 18.58 2.00 -7.42
N GLY A 169 17.64 1.50 -6.62
CA GLY A 169 16.23 1.68 -6.89
C GLY A 169 15.84 3.14 -6.96
N VAL A 170 16.38 3.95 -6.06
CA VAL A 170 16.14 5.39 -6.05
C VAL A 170 16.59 5.98 -7.38
N ARG A 171 17.82 5.66 -7.79
CA ARG A 171 18.38 6.18 -9.03
C ARG A 171 17.61 5.71 -10.27
N VAL A 172 17.21 4.43 -10.29
CA VAL A 172 16.55 3.87 -11.47
C VAL A 172 15.05 4.19 -11.54
N LEU A 173 14.31 3.95 -10.47
CA LEU A 173 12.84 4.14 -10.53
C LEU A 173 12.36 5.48 -9.98
N GLY A 174 13.20 6.12 -9.17
CA GLY A 174 12.90 7.42 -8.57
C GLY A 174 12.43 8.49 -9.53
N PRO A 175 13.09 8.63 -10.71
CA PRO A 175 12.62 9.60 -11.71
C PRO A 175 11.23 9.30 -12.30
N LEU A 176 10.75 8.08 -12.09
CA LEU A 176 9.46 7.65 -12.66
C LEU A 176 8.31 7.61 -11.64
N ALA A 177 8.63 7.92 -10.38
CA ALA A 177 7.69 7.79 -9.26
C ALA A 177 7.30 9.13 -8.67
N ASP A 178 6.06 9.21 -8.21
CA ASP A 178 5.66 10.37 -7.42
C ASP A 178 6.16 10.24 -5.98
N TYR A 179 6.21 8.99 -5.50
CA TYR A 179 6.87 8.67 -4.24
C TYR A 179 7.52 7.29 -4.28
N LEU A 180 8.57 7.17 -3.47
CA LEU A 180 9.29 5.91 -3.29
C LEU A 180 9.07 5.39 -1.87
N VAL A 181 9.13 4.07 -1.71
CA VAL A 181 8.99 3.43 -0.41
C VAL A 181 10.15 2.49 -0.13
N VAL A 182 10.74 2.64 1.06
CA VAL A 182 11.75 1.74 1.58
C VAL A 182 11.11 0.93 2.72
N ASN A 183 11.03 -0.39 2.56
CA ASN A 183 10.58 -1.27 3.65
C ASN A 183 11.61 -1.49 4.75
N VAL A 184 11.32 -0.94 5.91
CA VAL A 184 12.06 -1.29 7.12
C VAL A 184 11.31 -2.48 7.76
N SER A 185 10.53 -3.21 6.94
CA SER A 185 9.35 -3.99 7.43
C SER A 185 8.97 -5.36 6.87
N SER A 186 9.51 -5.80 5.74
CA SER A 186 9.04 -7.08 5.21
C SER A 186 9.38 -8.30 6.07
N PRO A 187 8.37 -9.17 6.32
CA PRO A 187 8.53 -10.40 7.13
C PRO A 187 9.46 -11.43 6.49
N GLY A 197 17.66 0.30 13.68
CA GLY A 197 19.06 0.70 13.56
C GLY A 197 19.81 0.73 14.89
N LYS A 198 19.80 1.88 15.57
CA LYS A 198 19.12 3.10 15.12
C LYS A 198 20.02 3.89 14.19
N ALA A 199 21.32 3.87 14.53
CA ALA A 199 22.37 4.51 13.76
C ALA A 199 22.52 3.89 12.36
N GLU A 200 22.15 2.61 12.24
CA GLU A 200 22.16 1.89 10.96
C GLU A 200 21.01 2.37 10.08
N LEU A 201 19.83 2.52 10.67
CA LEU A 201 18.66 3.07 9.98
C LEU A 201 18.90 4.52 9.53
N ARG A 202 19.51 5.33 10.40
CA ARG A 202 19.90 6.69 10.03
C ARG A 202 20.87 6.67 8.86
N ARG A 203 21.82 5.72 8.90
CA ARG A 203 22.82 5.55 7.85
C ARG A 203 22.16 5.23 6.51
N LEU A 204 21.26 4.26 6.51
CA LEU A 204 20.56 3.83 5.30
C LEU A 204 19.70 4.95 4.70
N LEU A 205 18.91 5.61 5.55
CA LEU A 205 17.96 6.63 5.08
C LEU A 205 18.66 7.89 4.64
N THR A 206 19.80 8.22 5.26
CA THR A 206 20.68 9.31 4.82
C THR A 206 21.12 9.08 3.37
N LYS A 207 21.51 7.84 3.07
CA LYS A 207 21.98 7.47 1.74
C LYS A 207 20.86 7.57 0.71
N VAL A 208 19.70 7.00 1.04
CA VAL A 208 18.50 7.07 0.21
C VAL A 208 18.10 8.52 -0.15
N LEU A 209 17.99 9.37 0.87
CA LEU A 209 17.65 10.79 0.68
C LEU A 209 18.69 11.59 -0.11
N GLN A 210 19.96 11.23 0.01
CA GLN A 210 21.02 11.90 -0.74
C GLN A 210 20.91 11.53 -2.22
N GLU A 211 20.60 10.26 -2.48
CA GLU A 211 20.40 9.75 -3.83
C GLU A 211 19.18 10.39 -4.51
N ARG A 212 18.11 10.57 -3.74
CA ARG A 212 16.89 11.23 -4.20
C ARG A 212 17.15 12.70 -4.53
N ASP A 213 17.90 13.38 -3.65
CA ASP A 213 18.22 14.80 -3.81
C ASP A 213 19.14 15.03 -5.01
N GLY A 214 19.85 13.99 -5.43
CA GLY A 214 20.73 14.06 -6.58
C GLY A 214 20.00 13.96 -7.90
N LEU A 215 18.69 13.70 -7.86
CA LEU A 215 17.88 13.66 -9.08
C LEU A 215 17.50 15.08 -9.55
N ARG A 216 17.23 15.23 -10.84
CA ARG A 216 16.76 16.51 -11.39
C ARG A 216 15.36 16.88 -10.87
N ARG A 217 15.13 18.19 -10.74
CA ARG A 217 13.98 18.75 -10.00
C ARG A 217 12.59 18.21 -10.36
N VAL A 218 12.31 17.99 -11.66
CA VAL A 218 11.04 17.35 -12.07
C VAL A 218 10.96 15.85 -11.74
N HIS A 219 12.12 15.27 -11.47
CA HIS A 219 12.24 13.83 -11.24
C HIS A 219 12.48 13.46 -9.80
N ARG A 220 11.98 14.30 -8.87
CA ARG A 220 12.21 14.07 -7.45
C ARG A 220 11.01 13.58 -6.68
N PRO A 221 11.02 12.29 -6.31
CA PRO A 221 9.90 11.75 -5.56
C PRO A 221 10.00 12.06 -4.06
N ALA A 222 8.85 11.99 -3.38
CA ALA A 222 8.81 11.92 -1.92
C ALA A 222 9.37 10.56 -1.52
N VAL A 223 10.02 10.50 -0.35
CA VAL A 223 10.53 9.24 0.19
C VAL A 223 9.78 8.86 1.48
N LEU A 224 9.19 7.68 1.49
CA LEU A 224 8.44 7.20 2.65
C LEU A 224 9.09 5.94 3.16
N VAL A 225 8.90 5.67 4.45
CA VAL A 225 9.40 4.45 5.08
C VAL A 225 8.20 3.59 5.48
N LYS A 226 8.22 2.32 5.11
CA LYS A 226 7.14 1.41 5.43
C LYS A 226 7.54 0.50 6.59
N ILE A 227 6.70 0.48 7.63
CA ILE A 227 7.03 -0.27 8.83
C ILE A 227 6.09 -1.44 9.08
N ALA A 228 6.62 -2.41 9.80
CA ALA A 228 5.83 -3.56 10.25
C ALA A 228 5.00 -3.13 11.47
N PRO A 229 3.95 -3.90 11.78
CA PRO A 229 3.21 -3.68 13.01
C PRO A 229 3.82 -4.40 14.23
N ASP A 230 4.96 -5.06 14.05
CA ASP A 230 5.54 -5.90 15.09
C ASP A 230 6.73 -5.27 15.80
N LEU A 231 6.94 -3.97 15.58
CA LEU A 231 8.04 -3.25 16.20
C LEU A 231 7.82 -3.03 17.69
N THR A 232 8.90 -3.03 18.47
CA THR A 232 8.80 -2.65 19.88
C THR A 232 8.51 -1.15 20.00
N SER A 233 8.18 -0.71 21.20
CA SER A 233 8.01 0.71 21.50
C SER A 233 9.29 1.49 21.23
N GLN A 234 10.43 0.87 21.55
CA GLN A 234 11.76 1.43 21.30
C GLN A 234 12.01 1.65 19.81
N ASP A 235 11.74 0.62 19.00
CA ASP A 235 11.86 0.70 17.53
C ASP A 235 11.05 1.86 16.97
N LYS A 236 9.82 2.00 17.45
CA LYS A 236 8.93 3.05 16.98
C LYS A 236 9.39 4.44 17.37
N GLU A 237 9.90 4.60 18.59
CA GLU A 237 10.54 5.84 19.03
C GLU A 237 11.74 6.18 18.16
N ASP A 238 12.59 5.19 17.92
CA ASP A 238 13.81 5.35 17.13
C ASP A 238 13.48 5.81 15.70
N ILE A 239 12.53 5.13 15.08
CA ILE A 239 12.06 5.44 13.72
C ILE A 239 11.53 6.88 13.63
N ALA A 240 10.65 7.23 14.55
CA ALA A 240 10.08 8.58 14.61
C ALA A 240 11.18 9.63 14.68
N SER A 241 12.18 9.38 15.52
CA SER A 241 13.28 10.29 15.75
C SER A 241 14.14 10.52 14.50
N VAL A 242 14.53 9.42 13.84
CA VAL A 242 15.29 9.44 12.58
C VAL A 242 14.49 10.10 11.44
N VAL A 243 13.22 9.75 11.32
CA VAL A 243 12.31 10.35 10.34
C VAL A 243 12.29 11.88 10.43
N LYS A 244 12.20 12.41 11.64
CA LYS A 244 12.15 13.86 11.88
C LYS A 244 13.49 14.55 11.71
N GLU A 245 14.55 13.90 12.18
CA GLU A 245 15.90 14.40 12.01
C GLU A 245 16.28 14.52 10.52
N LEU A 246 15.95 13.51 9.73
CA LEU A 246 16.37 13.44 8.34
C LEU A 246 15.40 14.13 7.38
N GLY A 247 14.19 14.39 7.84
CA GLY A 247 13.15 14.97 7.00
C GLY A 247 12.60 13.98 5.99
N ILE A 248 12.41 12.73 6.41
CA ILE A 248 11.66 11.74 5.62
C ILE A 248 10.24 12.28 5.37
N ASP A 249 9.78 12.11 4.13
CA ASP A 249 8.54 12.74 3.68
C ASP A 249 7.26 12.09 4.24
N GLY A 250 7.36 10.82 4.62
CA GLY A 250 6.19 10.17 5.20
C GLY A 250 6.44 8.76 5.69
N LEU A 251 5.37 8.15 6.23
CA LEU A 251 5.41 6.80 6.71
C LEU A 251 4.24 6.01 6.17
N ILE A 252 4.48 4.74 5.86
CA ILE A 252 3.41 3.80 5.50
C ILE A 252 3.28 2.81 6.63
N VAL A 253 2.05 2.69 7.15
CA VAL A 253 1.82 1.99 8.40
C VAL A 253 0.51 1.21 8.19
N THR A 254 0.58 -0.12 8.05
CA THR A 254 1.78 -0.95 8.23
C THR A 254 1.88 -2.03 7.14
N ASN A 255 3.00 -2.73 7.16
CA ASN A 255 3.14 -3.98 6.43
C ASN A 255 2.33 -5.10 7.10
N THR A 256 2.49 -6.34 6.64
CA THR A 256 1.84 -7.51 7.24
C THR A 256 2.45 -7.86 8.62
N THR A 257 1.74 -8.69 9.40
CA THR A 257 2.23 -9.08 10.73
C THR A 257 2.74 -10.53 10.81
N VAL A 258 3.85 -10.74 11.53
CA VAL A 258 4.34 -12.09 11.84
C VAL A 258 3.73 -12.61 13.13
N SER A 259 2.92 -11.79 13.80
CA SER A 259 2.13 -12.25 14.93
C SER A 259 0.95 -13.11 14.44
N ARG A 260 0.39 -13.90 15.35
CA ARG A 260 -0.82 -14.65 15.05
C ARG A 260 -1.79 -14.42 16.19
N PRO A 261 -2.61 -13.37 16.09
CA PRO A 261 -3.55 -13.06 17.17
C PRO A 261 -4.38 -14.28 17.53
N ALA A 262 -4.70 -14.41 18.81
CA ALA A 262 -5.57 -15.50 19.24
C ALA A 262 -6.94 -15.33 18.55
N GLY A 263 -7.59 -16.44 18.22
CA GLY A 263 -8.89 -16.40 17.55
C GLY A 263 -8.91 -16.72 16.07
N LEU A 264 -7.75 -16.73 15.40
CA LEU A 264 -7.65 -17.18 14.02
C LEU A 264 -8.24 -18.58 13.88
N GLN A 265 -9.09 -18.73 12.86
CA GLN A 265 -9.84 -19.96 12.61
C GLN A 265 -9.30 -20.73 11.41
N GLY A 266 -8.63 -20.03 10.48
CA GLY A 266 -8.17 -20.63 9.25
C GLY A 266 -7.30 -21.85 9.55
N ALA A 267 -7.50 -22.93 8.80
CA ALA A 267 -6.69 -24.15 8.99
C ALA A 267 -5.20 -23.85 8.73
N LEU A 268 -4.94 -22.83 7.91
CA LEU A 268 -3.56 -22.50 7.48
C LEU A 268 -2.87 -21.42 8.34
N ARG A 269 -3.43 -21.16 9.52
CA ARG A 269 -2.97 -20.07 10.40
C ARG A 269 -1.51 -20.19 10.87
N SER A 270 -0.95 -21.39 10.81
CA SER A 270 0.41 -21.65 11.32
C SER A 270 1.48 -21.68 10.22
N GLU A 271 1.07 -21.30 9.01
CA GLU A 271 1.99 -21.07 7.91
C GLU A 271 2.91 -19.88 8.25
N THR A 272 4.18 -20.03 7.92
CA THR A 272 5.14 -18.95 7.98
C THR A 272 4.74 -17.86 6.99
N GLY A 273 4.82 -16.61 7.42
CA GLY A 273 4.66 -15.48 6.52
C GLY A 273 4.00 -14.31 7.19
N GLY A 274 3.73 -13.28 6.41
CA GLY A 274 3.04 -12.10 6.91
C GLY A 274 1.55 -12.27 6.79
N LEU A 275 0.86 -12.00 7.88
CA LEU A 275 -0.60 -12.03 7.95
C LEU A 275 -1.20 -10.68 7.57
N SER A 276 -2.22 -10.70 6.71
CA SER A 276 -2.90 -9.49 6.26
C SER A 276 -4.42 -9.61 6.43
N GLY A 277 -5.14 -8.52 6.23
CA GLY A 277 -6.60 -8.56 6.29
C GLY A 277 -7.15 -8.19 7.64
N LYS A 278 -8.37 -8.65 7.93
CA LYS A 278 -9.11 -8.23 9.13
C LYS A 278 -8.35 -8.42 10.46
N PRO A 279 -7.65 -9.57 10.67
CA PRO A 279 -6.91 -9.72 11.93
C PRO A 279 -5.77 -8.72 12.16
N LEU A 280 -5.27 -8.12 11.08
CA LEU A 280 -4.28 -7.06 11.13
C LEU A 280 -4.87 -5.65 11.37
N ARG A 281 -6.18 -5.48 11.15
CA ARG A 281 -6.79 -4.15 11.08
C ARG A 281 -6.48 -3.19 12.25
N ASP A 282 -6.86 -3.57 13.47
CA ASP A 282 -6.71 -2.66 14.61
C ASP A 282 -5.28 -2.52 15.12
N LEU A 283 -4.48 -3.56 14.98
CA LEU A 283 -3.05 -3.50 15.24
C LEU A 283 -2.39 -2.40 14.40
N SER A 284 -2.78 -2.35 13.11
CA SER A 284 -2.32 -1.33 12.19
CA SER A 284 -2.32 -1.32 12.17
C SER A 284 -2.80 0.08 12.55
N THR A 285 -4.08 0.20 12.93
CA THR A 285 -4.66 1.50 13.30
C THR A 285 -3.95 2.09 14.52
N GLN A 286 -3.72 1.24 15.52
CA GLN A 286 -2.98 1.61 16.72
C GLN A 286 -1.54 2.06 16.45
N THR A 287 -0.88 1.42 15.49
CA THR A 287 0.47 1.81 15.08
C THR A 287 0.44 3.17 14.39
N ILE A 288 -0.59 3.41 13.56
CA ILE A 288 -0.82 4.73 12.98
C ILE A 288 -0.99 5.77 14.09
N ARG A 289 -1.84 5.46 15.07
CA ARG A 289 -2.10 6.35 16.22
C ARG A 289 -0.79 6.72 16.94
N GLU A 290 0.01 5.71 17.27
CA GLU A 290 1.28 5.93 17.93
C GLU A 290 2.30 6.72 17.10
N MET A 291 2.44 6.37 15.81
CA MET A 291 3.41 7.04 14.93
C MET A 291 3.07 8.51 14.68
N TYR A 292 1.77 8.80 14.62
CA TYR A 292 1.26 10.16 14.49
C TYR A 292 1.62 11.04 15.70
N ALA A 293 1.41 10.51 16.91
CA ALA A 293 1.75 11.23 18.15
C ALA A 293 3.25 11.41 18.29
N LEU A 294 4.01 10.35 17.98
CA LEU A 294 5.47 10.38 18.02
C LEU A 294 6.10 11.39 17.04
N THR A 295 5.40 11.66 15.94
CA THR A 295 5.87 12.61 14.92
C THR A 295 5.13 13.95 14.97
N GLN A 296 4.40 14.16 16.07
CA GLN A 296 3.65 15.40 16.35
C GLN A 296 2.63 15.78 15.29
N GLY A 297 2.10 14.79 14.58
CA GLY A 297 1.18 15.03 13.48
C GLY A 297 1.79 15.73 12.27
N ARG A 298 3.12 15.69 12.15
CA ARG A 298 3.84 16.50 11.15
C ARG A 298 4.39 15.67 10.02
N VAL A 299 4.25 14.35 10.11
CA VAL A 299 4.77 13.44 9.11
C VAL A 299 3.57 12.68 8.50
N PRO A 300 3.27 12.94 7.21
CA PRO A 300 2.16 12.27 6.50
C PRO A 300 2.24 10.75 6.64
N ILE A 301 1.10 10.13 6.97
CA ILE A 301 1.03 8.69 7.11
C ILE A 301 0.04 8.11 6.09
N ILE A 302 0.47 7.04 5.44
CA ILE A 302 -0.43 6.21 4.62
C ILE A 302 -0.79 5.00 5.47
N GLY A 303 -2.09 4.89 5.77
CA GLY A 303 -2.59 3.83 6.62
C GLY A 303 -3.05 2.63 5.82
N VAL A 304 -2.54 1.47 6.20
CA VAL A 304 -2.82 0.22 5.49
C VAL A 304 -2.88 -0.94 6.50
N GLY A 305 -3.85 -1.82 6.31
CA GLY A 305 -3.99 -2.99 7.16
C GLY A 305 -5.44 -3.30 7.47
N GLY A 306 -6.01 -4.29 6.79
CA GLY A 306 -7.39 -4.70 7.02
C GLY A 306 -8.49 -3.68 6.72
N VAL A 307 -8.27 -2.81 5.73
CA VAL A 307 -9.30 -1.89 5.27
C VAL A 307 -10.20 -2.57 4.23
N SER A 308 -11.48 -2.75 4.57
CA SER A 308 -12.48 -3.13 3.55
C SER A 308 -13.77 -2.34 3.61
N SER A 309 -13.81 -1.29 4.42
CA SER A 309 -15.00 -0.46 4.48
C SER A 309 -14.65 1.00 4.70
N GLY A 310 -15.65 1.87 4.59
CA GLY A 310 -15.47 3.28 4.90
C GLY A 310 -15.10 3.47 6.36
N GLN A 311 -15.73 2.71 7.26
CA GLN A 311 -15.40 2.79 8.69
C GLN A 311 -13.93 2.45 8.93
N ASP A 312 -13.46 1.34 8.36
CA ASP A 312 -12.05 0.96 8.44
C ASP A 312 -11.14 2.09 7.99
N ALA A 313 -11.49 2.70 6.86
CA ALA A 313 -10.72 3.80 6.27
C ALA A 313 -10.72 5.03 7.17
N LEU A 314 -11.90 5.42 7.64
CA LEU A 314 -12.06 6.60 8.48
C LEU A 314 -11.45 6.43 9.89
N GLU A 315 -11.48 5.22 10.44
CA GLU A 315 -10.76 4.95 11.69
C GLU A 315 -9.26 5.25 11.54
N LYS A 316 -8.67 4.83 10.42
CA LYS A 316 -7.26 5.09 10.17
C LYS A 316 -6.96 6.56 9.93
N ILE A 317 -7.82 7.23 9.16
CA ILE A 317 -7.75 8.67 8.95
C ILE A 317 -7.83 9.46 10.26
N ARG A 318 -8.86 9.16 11.06
N ARG A 318 -8.84 9.16 11.08
CA ARG A 318 -9.03 9.75 12.39
CA ARG A 318 -8.99 9.82 12.37
C ARG A 318 -7.82 9.52 13.30
C ARG A 318 -7.82 9.53 13.32
N ALA A 319 -7.17 8.37 13.13
CA ALA A 319 -6.01 7.97 13.93
C ALA A 319 -4.73 8.67 13.48
N GLY A 320 -4.74 9.23 12.28
CA GLY A 320 -3.66 10.07 11.79
C GLY A 320 -3.21 9.87 10.35
N ALA A 321 -3.85 8.95 9.64
CA ALA A 321 -3.54 8.70 8.21
C ALA A 321 -4.11 9.79 7.32
N SER A 322 -3.29 10.30 6.40
CA SER A 322 -3.74 11.23 5.37
C SER A 322 -4.33 10.51 4.17
N LEU A 323 -3.91 9.25 3.99
CA LEU A 323 -4.32 8.40 2.88
C LEU A 323 -4.39 6.98 3.41
N VAL A 324 -5.14 6.11 2.73
CA VAL A 324 -5.17 4.69 3.09
C VAL A 324 -4.89 3.81 1.88
N GLN A 325 -4.51 2.56 2.14
CA GLN A 325 -4.36 1.55 1.09
C GLN A 325 -5.12 0.27 1.48
N LEU A 326 -5.49 -0.51 0.49
CA LEU A 326 -6.00 -1.83 0.78
C LEU A 326 -5.40 -2.80 -0.21
N TYR A 327 -5.47 -4.07 0.13
CA TYR A 327 -5.05 -5.13 -0.76
C TYR A 327 -5.96 -6.34 -0.51
N THR A 328 -5.83 -6.96 0.66
CA THR A 328 -6.56 -8.21 0.99
C THR A 328 -8.09 -8.11 0.78
N ALA A 329 -8.67 -6.95 1.04
CA ALA A 329 -10.11 -6.76 0.80
C ALA A 329 -10.49 -7.04 -0.66
N LEU A 330 -9.63 -6.58 -1.58
CA LEU A 330 -9.79 -6.83 -3.01
C LEU A 330 -9.86 -8.32 -3.36
N THR A 331 -9.11 -9.16 -2.64
CA THR A 331 -9.10 -10.59 -2.91
C THR A 331 -10.42 -11.27 -2.52
N PHE A 332 -11.13 -10.72 -1.53
CA PHE A 332 -12.41 -11.28 -1.09
C PHE A 332 -13.64 -10.67 -1.75
N TRP A 333 -13.60 -9.35 -1.96
N TRP A 333 -13.59 -9.37 -2.02
CA TRP A 333 -14.73 -8.59 -2.49
CA TRP A 333 -14.77 -8.65 -2.50
C TRP A 333 -14.62 -8.35 -3.98
C TRP A 333 -14.60 -8.13 -3.93
N GLY A 334 -13.38 -8.22 -4.47
CA GLY A 334 -13.12 -7.90 -5.87
C GLY A 334 -13.13 -6.42 -6.16
N PRO A 335 -12.97 -6.05 -7.45
CA PRO A 335 -12.98 -4.64 -7.90
C PRO A 335 -14.02 -3.72 -7.27
N PRO A 336 -15.30 -4.15 -7.11
CA PRO A 336 -16.29 -3.23 -6.50
C PRO A 336 -15.98 -2.75 -5.08
N VAL A 337 -15.04 -3.38 -4.39
CA VAL A 337 -14.66 -2.95 -3.03
C VAL A 337 -14.15 -1.51 -3.01
N VAL A 338 -13.53 -1.07 -4.10
CA VAL A 338 -12.96 0.29 -4.18
C VAL A 338 -14.03 1.37 -4.03
N GLY A 339 -15.08 1.27 -4.84
CA GLY A 339 -16.18 2.23 -4.84
C GLY A 339 -16.98 2.15 -3.55
N LYS A 340 -17.11 0.94 -3.03
CA LYS A 340 -17.76 0.68 -1.74
C LYS A 340 -17.09 1.47 -0.62
N VAL A 341 -15.77 1.33 -0.49
CA VAL A 341 -15.02 2.05 0.53
C VAL A 341 -15.17 3.57 0.39
N LYS A 342 -15.04 4.05 -0.83
CA LYS A 342 -15.14 5.49 -1.12
C LYS A 342 -16.52 6.06 -0.79
N ARG A 343 -17.57 5.36 -1.21
CA ARG A 343 -18.95 5.75 -0.97
C ARG A 343 -19.26 5.77 0.53
N GLU A 344 -18.84 4.73 1.24
CA GLU A 344 -19.06 4.64 2.69
C GLU A 344 -18.27 5.71 3.44
N LEU A 345 -17.02 5.92 3.05
CA LEU A 345 -16.17 6.94 3.66
C LEU A 345 -16.78 8.34 3.52
N GLU A 346 -17.19 8.71 2.30
CA GLU A 346 -17.89 9.98 2.07
C GLU A 346 -19.15 10.14 2.94
N ALA A 347 -19.98 9.09 3.05
CA ALA A 347 -21.18 9.13 3.89
C ALA A 347 -20.83 9.31 5.39
N LEU A 348 -19.79 8.63 5.85
CA LEU A 348 -19.33 8.72 7.25
C LEU A 348 -18.77 10.08 7.60
N LEU A 349 -18.00 10.66 6.68
CA LEU A 349 -17.49 12.03 6.81
C LEU A 349 -18.61 13.04 7.00
N LYS A 350 -19.65 12.93 6.18
CA LYS A 350 -20.83 13.79 6.30
C LYS A 350 -21.56 13.60 7.64
N GLU A 351 -21.82 12.35 8.00
CA GLU A 351 -22.43 11.96 9.28
C GLU A 351 -21.69 12.52 10.49
N GLN A 352 -20.37 12.67 10.38
CA GLN A 352 -19.56 13.06 11.52
C GLN A 352 -19.16 14.54 11.47
N GLY A 353 -19.76 15.27 10.53
CA GLY A 353 -19.55 16.71 10.40
C GLY A 353 -18.17 17.15 9.93
N PHE A 354 -17.46 16.31 9.19
CA PHE A 354 -16.22 16.73 8.54
C PHE A 354 -16.51 17.32 7.17
N GLY A 355 -15.87 18.44 6.85
CA GLY A 355 -15.99 19.07 5.53
C GLY A 355 -15.42 18.20 4.41
N GLY A 356 -14.41 17.41 4.74
CA GLY A 356 -13.76 16.50 3.80
C GLY A 356 -12.78 15.63 4.55
N VAL A 357 -12.04 14.80 3.82
CA VAL A 357 -11.04 13.88 4.41
C VAL A 357 -9.99 14.65 5.22
N THR A 358 -9.55 15.79 4.68
CA THR A 358 -8.51 16.63 5.27
C THR A 358 -8.83 17.07 6.70
N ASP A 359 -10.10 17.36 6.96
CA ASP A 359 -10.53 17.78 8.28
C ASP A 359 -10.50 16.62 9.28
N ALA A 360 -10.61 15.40 8.78
CA ALA A 360 -10.67 14.21 9.63
C ALA A 360 -9.30 13.66 10.04
N ILE A 361 -8.25 14.03 9.29
CA ILE A 361 -6.89 13.53 9.55
C ILE A 361 -6.44 13.86 10.99
N GLY A 362 -6.22 12.81 11.78
CA GLY A 362 -5.79 12.97 13.16
C GLY A 362 -6.86 13.49 14.12
N ALA A 363 -8.13 13.46 13.72
CA ALA A 363 -9.24 14.02 14.53
C ALA A 363 -9.41 13.41 15.93
N ASP A 364 -9.05 12.14 16.09
CA ASP A 364 -9.09 11.45 17.40
C ASP A 364 -8.13 12.07 18.40
N HIS A 365 -7.02 12.62 17.90
CA HIS A 365 -5.97 13.16 18.74
C HIS A 365 -6.35 14.53 19.30
N ARG A 366 -7.44 15.09 18.80
CA ARG A 366 -7.90 16.44 19.17
C ARG A 366 -9.18 16.38 19.99
N ARG A 367 -9.67 15.16 20.23
CA ARG A 367 -10.81 14.89 21.10
C ARG A 367 -10.50 15.28 22.55
N1 FMN B . 4.03 -4.98 0.97
C2 FMN B . 5.20 -4.44 0.48
O2 FMN B . 5.63 -3.38 0.95
N3 FMN B . 5.88 -5.10 -0.55
C4 FMN B . 5.39 -6.28 -1.07
O4 FMN B . 5.83 -6.68 -2.15
C4A FMN B . 4.20 -6.82 -0.56
N5 FMN B . 3.67 -8.01 -1.06
C5A FMN B . 2.49 -8.53 -0.56
C6 FMN B . 1.97 -9.71 -1.06
C7 FMN B . 0.77 -10.21 -0.56
C7M FMN B . 0.07 -11.29 -1.38
C8 FMN B . 0.08 -9.55 0.48
C8M FMN B . -1.34 -9.90 0.83
C9 FMN B . 0.61 -8.37 0.99
C9A FMN B . 1.80 -7.84 0.48
N10 FMN B . 2.35 -6.66 0.97
C10 FMN B . 3.53 -6.16 0.45
C1' FMN B . 1.77 -5.97 2.18
C2' FMN B . 0.65 -5.00 1.77
O2' FMN B . 1.12 -3.97 0.94
C3' FMN B . 0.00 -4.39 3.03
O3' FMN B . 0.99 -3.65 3.72
C4' FMN B . -0.62 -5.46 3.92
O4' FMN B . -1.13 -6.55 3.16
C5' FMN B . -1.74 -4.89 4.78
O5' FMN B . -2.79 -4.44 3.95
P FMN B . -4.11 -5.30 3.71
O1P FMN B . -3.76 -6.47 2.79
O2P FMN B . -5.16 -4.39 3.11
O3P FMN B . -4.60 -5.90 5.02
N1 ORO C . 5.18 -9.92 1.76
C2 ORO C . 4.71 -8.99 2.62
O2 ORO C . 3.72 -9.27 3.32
N3 ORO C . 5.29 -7.79 2.72
C4 ORO C . 6.36 -7.47 1.97
O4 ORO C . 6.90 -6.34 2.07
C5 ORO C . 6.86 -8.40 1.07
C6 ORO C . 6.24 -9.64 0.98
C7 ORO C . 6.77 -10.70 0.07
O71 ORO C . 7.05 -10.43 -1.11
O72 ORO C . 6.92 -11.84 0.53
F1 238 D . -12.68 -10.43 -10.42
C19 238 D . -11.90 -9.52 -11.07
C22 238 D . -12.35 -8.83 -12.21
C21 238 D . -11.59 -7.81 -12.81
C20 238 D . -10.20 -7.68 -12.46
C18 238 D . -9.70 -8.30 -11.25
C17 238 D . -10.55 -9.24 -10.57
C16 238 D . -9.87 -9.95 -9.41
C12 238 D . -9.80 -11.37 -9.52
C13 238 D . -9.26 -9.23 -8.28
C9 238 D . -8.61 -10.01 -7.30
C23 238 D . -8.57 -11.42 -7.45
C8 238 D . -9.17 -12.15 -8.58
C3 238 D . -7.88 -12.24 -6.42
N1 238 D . -6.61 -11.65 -6.22
C7 238 D . -5.69 -12.16 -5.33
C11 238 D . -4.43 -11.46 -5.19
C15 238 D . -3.45 -11.96 -4.28
C14 238 D . -3.76 -13.17 -3.54
CL1 238 D . -2.63 -13.82 -2.42
C10 238 D . -4.98 -13.83 -3.68
C6 238 D . -5.99 -13.32 -4.61
C4 238 D . -7.29 -13.96 -4.82
C5 238 D . -7.60 -15.23 -4.08
O2 238 D . -7.51 -16.27 -4.69
O1 238 D . -7.97 -15.22 -2.84
C2 238 D . -8.27 -13.43 -5.75
C1 238 D . -9.54 -14.06 -5.96
N1 DDQ E . -16.71 -5.51 -19.43
O1 DDQ E . -15.60 -5.72 -20.00
CM1 DDQ E . -16.90 -4.06 -19.28
CM2 DDQ E . -17.80 -6.04 -20.26
C1 DDQ E . -16.76 -6.14 -18.08
C2 DDQ E . -15.73 -7.25 -17.86
C3 DDQ E . -16.12 -8.10 -16.67
C4 DDQ E . -14.90 -8.63 -15.92
C5 DDQ E . -14.83 -10.16 -15.98
C6 DDQ E . -14.83 -10.76 -14.57
C7 DDQ E . -13.99 -12.03 -14.52
C8 DDQ E . -12.61 -11.76 -13.92
C9 DDQ E . -11.96 -13.01 -13.35
C10 DDQ E . -10.50 -12.77 -13.07
#